data_4WNM
#
_entry.id   4WNM
#
_cell.length_a   39.871
_cell.length_b   84.820
_cell.length_c   90.627
_cell.angle_alpha   90.000
_cell.angle_beta   90.000
_cell.angle_gamma   90.000
#
_symmetry.space_group_name_H-M   'P 21 21 21'
#
loop_
_entity.id
_entity.type
_entity.pdbx_description
1 polymer 'Tyrosine-protein kinase SYK'
2 non-polymer N~3~-(tetrahydro-2H-pyran-4-yl)-N~6~-[5-(tetrahydro-2H-pyran-4-ylmethyl)[1,2,4]triazolo[1,5-a]pyridin-2-yl]-1H-indazole-3,6-diamine
3 non-polymer 'SULFATE ION'
4 water water
#
_entity_poly.entity_id   1
_entity_poly.type   'polypeptide(L)'
_entity_poly.pdbx_seq_one_letter_code
;MDTEVYESPYADPEEIRPKEVYLDRKLLTLEDKELGSGNFGTVKKGYYQMKKVVKTVAVKILKNEANDPALKDELLAEAN
VMQQLDNPYIVRMIGICEAESWMLVMEMAELGPLNKYLQQNRHVKDKNIIELVHQVSMGMKYLEESNFVHRDLAARNVLL
VTQHYAKISDFGLSKALRADENYYKAQTHGKWPVKWYAPECINYYKFSSKSDVWSFGVLMWEAFSYGQKPYRGMKGSEVT
AMLEKGERMGCPAGCPREMYDLMNLCWTYDVENRPGFAAVELRLRNYYYDVVNHHHHHH
;
_entity_poly.pdbx_strand_id   A
#
loop_
_chem_comp.id
_chem_comp.type
_chem_comp.name
_chem_comp.formula
3RT non-polymer N~3~-(tetrahydro-2H-pyran-4-yl)-N~6~-[5-(tetrahydro-2H-pyran-4-ylmethyl)[1,2,4]triazolo[1,5-a]pyridin-2-yl]-1H-indazole-3,6-diamine 'C24 H29 N7 O2'
SO4 non-polymer 'SULFATE ION' 'O4 S -2'
#
# COMPACT_ATOMS: atom_id res chain seq x y z
N VAL A 5 4.34 -12.64 6.61
CA VAL A 5 4.43 -11.21 6.17
C VAL A 5 4.80 -10.28 7.34
N TYR A 6 3.94 -10.25 8.34
CA TYR A 6 4.06 -9.35 9.51
C TYR A 6 4.80 -10.06 10.68
N GLU A 7 6.09 -9.77 10.84
CA GLU A 7 6.96 -10.39 11.85
C GLU A 7 7.17 -9.47 13.08
N VAL A 21 -19.39 10.06 7.68
CA VAL A 21 -18.79 9.13 8.62
C VAL A 21 -19.78 8.02 9.02
N TYR A 22 -21.07 8.36 9.20
CA TYR A 22 -22.09 7.41 9.74
C TYR A 22 -23.13 6.93 8.77
N LEU A 23 -23.62 5.72 9.02
CA LEU A 23 -24.33 4.97 7.99
C LEU A 23 -25.47 4.12 8.52
N ASP A 24 -26.54 4.10 7.74
CA ASP A 24 -27.69 3.28 8.03
C ASP A 24 -27.34 1.85 7.62
N ARG A 25 -26.99 1.02 8.60
CA ARG A 25 -26.93 -0.43 8.44
C ARG A 25 -28.02 -0.96 7.51
N LYS A 26 -29.22 -0.34 7.60
CA LYS A 26 -30.36 -0.66 6.72
C LYS A 26 -30.01 -0.46 5.24
N LEU A 27 -29.45 0.69 4.88
CA LEU A 27 -28.99 0.97 3.49
C LEU A 27 -27.75 0.19 3.01
N LEU A 28 -27.63 -1.10 3.33
CA LEU A 28 -26.37 -1.78 3.13
C LEU A 28 -26.52 -3.28 3.22
N THR A 29 -26.13 -3.99 2.17
CA THR A 29 -26.26 -5.44 2.12
C THR A 29 -24.86 -6.11 2.13
N LEU A 30 -24.72 -7.24 2.81
CA LEU A 30 -23.47 -8.03 2.85
C LEU A 30 -23.60 -9.32 2.05
N GLU A 31 -22.47 -9.80 1.51
CA GLU A 31 -22.42 -11.05 0.74
C GLU A 31 -21.43 -12.01 1.41
N ASP A 32 -21.65 -13.32 1.29
CA ASP A 32 -20.66 -14.31 1.73
C ASP A 32 -19.57 -14.38 0.63
N LYS A 33 -18.79 -13.30 0.54
CA LYS A 33 -17.74 -13.17 -0.44
C LYS A 33 -16.67 -12.34 0.27
N GLU A 34 -15.59 -13.01 0.70
CA GLU A 34 -14.51 -12.39 1.49
C GLU A 34 -13.34 -11.87 0.66
N LEU A 35 -12.96 -10.62 0.96
CA LEU A 35 -11.89 -9.92 0.27
C LEU A 35 -10.68 -9.79 1.17
N GLY A 36 -10.00 -10.90 1.42
CA GLY A 36 -8.96 -10.94 2.44
C GLY A 36 -9.60 -10.90 3.81
N SER A 37 -8.76 -10.93 4.83
CA SER A 37 -9.21 -10.95 6.21
C SER A 37 -7.99 -10.88 7.14
N GLY A 38 -8.05 -11.51 8.32
CA GLY A 38 -6.86 -11.73 9.14
C GLY A 38 -7.06 -11.60 10.63
N ASN A 39 -6.31 -10.70 11.23
CA ASN A 39 -6.15 -10.60 12.70
C ASN A 39 -7.41 -10.02 13.37
N PHE A 40 -7.71 -8.79 12.96
CA PHE A 40 -8.92 -8.01 13.34
C PHE A 40 -10.31 -8.69 13.16
N GLY A 41 -10.43 -9.49 12.09
CA GLY A 41 -11.72 -9.96 11.64
C GLY A 41 -11.60 -10.23 10.15
N THR A 42 -12.54 -9.70 9.39
CA THR A 42 -12.59 -10.02 7.97
C THR A 42 -13.08 -8.85 7.12
N VAL A 43 -12.85 -8.96 5.82
CA VAL A 43 -13.37 -7.99 4.88
C VAL A 43 -14.35 -8.66 3.92
N LYS A 44 -15.50 -8.02 3.71
CA LYS A 44 -16.53 -8.60 2.87
C LYS A 44 -17.07 -7.67 1.83
N LYS A 45 -17.56 -8.29 0.74
CA LYS A 45 -18.17 -7.57 -0.37
C LYS A 45 -19.58 -7.16 0.01
N GLY A 46 -20.09 -6.16 -0.68
CA GLY A 46 -21.47 -5.76 -0.53
C GLY A 46 -21.67 -4.44 -1.24
N TYR A 47 -22.83 -3.80 -1.02
CA TYR A 47 -23.13 -2.53 -1.66
C TYR A 47 -23.96 -1.60 -0.76
N TYR A 48 -23.89 -0.30 -1.05
CA TYR A 48 -24.49 0.73 -0.22
C TYR A 48 -25.31 1.63 -1.13
N GLN A 49 -26.58 1.81 -0.78
CA GLN A 49 -27.46 2.76 -1.46
C GLN A 49 -27.03 4.22 -1.23
N MET A 50 -26.33 4.83 -2.17
CA MET A 50 -25.95 6.24 -2.04
C MET A 50 -27.10 7.15 -2.51
N LYS A 51 -26.81 8.44 -2.79
CA LYS A 51 -27.81 9.46 -3.20
C LYS A 51 -28.93 8.96 -4.13
N LYS A 52 -28.57 8.29 -5.24
CA LYS A 52 -29.53 7.72 -6.23
C LYS A 52 -29.34 6.20 -6.55
N VAL A 53 -28.08 5.81 -6.70
CA VAL A 53 -27.64 4.50 -7.17
C VAL A 53 -27.12 3.63 -6.03
N VAL A 54 -26.67 2.41 -6.33
CA VAL A 54 -25.89 1.66 -5.35
C VAL A 54 -24.38 1.69 -5.68
N LYS A 55 -23.53 1.67 -4.65
CA LYS A 55 -22.09 1.60 -4.79
C LYS A 55 -21.71 0.22 -4.31
N THR A 56 -20.91 -0.51 -5.09
CA THR A 56 -20.35 -1.78 -4.68
C THR A 56 -19.20 -1.47 -3.73
N VAL A 57 -19.14 -2.17 -2.59
CA VAL A 57 -18.19 -1.81 -1.52
C VAL A 57 -17.47 -2.99 -0.85
N ALA A 58 -16.35 -2.64 -0.22
CA ALA A 58 -15.60 -3.57 0.57
C ALA A 58 -15.68 -3.05 1.98
N VAL A 59 -15.97 -3.96 2.90
CA VAL A 59 -16.31 -3.61 4.27
C VAL A 59 -15.49 -4.38 5.26
N LYS A 60 -14.71 -3.66 6.04
CA LYS A 60 -13.85 -4.30 7.00
C LYS A 60 -14.65 -4.46 8.27
N ILE A 61 -14.81 -5.69 8.76
CA ILE A 61 -15.63 -5.98 9.94
C ILE A 61 -14.79 -6.48 11.09
N LEU A 62 -15.09 -6.02 12.31
CA LEU A 62 -14.37 -6.47 13.49
C LEU A 62 -14.97 -7.75 14.10
N LYS A 63 -14.10 -8.72 14.40
CA LYS A 63 -14.51 -10.03 14.95
C LYS A 63 -15.26 -10.04 16.31
N ASN A 64 -15.44 -8.89 16.95
CA ASN A 64 -16.16 -8.83 18.22
C ASN A 64 -17.63 -9.27 18.15
N PRO A 69 -11.67 -3.81 21.72
CA PRO A 69 -11.46 -2.55 22.47
C PRO A 69 -10.34 -1.68 21.85
N ALA A 70 -9.22 -2.37 21.58
CA ALA A 70 -8.08 -1.83 20.87
C ALA A 70 -8.42 -1.74 19.39
N LEU A 71 -8.94 -2.84 18.84
CA LEU A 71 -9.35 -2.89 17.44
C LEU A 71 -10.22 -1.70 17.04
N LYS A 72 -11.21 -1.36 17.87
CA LYS A 72 -12.16 -0.30 17.53
C LYS A 72 -11.54 1.10 17.45
N ASP A 73 -10.36 1.30 18.03
CA ASP A 73 -9.68 2.60 17.89
C ASP A 73 -8.71 2.65 16.70
N GLU A 74 -8.17 1.49 16.33
CA GLU A 74 -7.40 1.38 15.10
C GLU A 74 -8.33 1.77 13.93
N LEU A 75 -9.47 1.10 13.88
CA LEU A 75 -10.52 1.36 12.88
C LEU A 75 -10.96 2.82 12.75
N LEU A 76 -11.05 3.51 13.88
CA LEU A 76 -11.43 4.91 13.87
C LEU A 76 -10.29 5.80 13.47
N ALA A 77 -9.09 5.49 13.94
CA ALA A 77 -7.91 6.20 13.45
C ALA A 77 -7.80 5.99 11.91
N GLU A 78 -7.96 4.74 11.50
CA GLU A 78 -7.86 4.40 10.09
C GLU A 78 -8.90 5.13 9.25
N ALA A 79 -10.14 5.11 9.71
CA ALA A 79 -11.20 5.82 9.00
C ALA A 79 -10.90 7.29 9.03
N ASN A 80 -10.32 7.77 10.12
CA ASN A 80 -10.09 9.19 10.17
C ASN A 80 -8.97 9.61 9.25
N VAL A 81 -8.04 8.71 9.03
CA VAL A 81 -7.01 8.98 8.06
C VAL A 81 -7.59 9.02 6.64
N MET A 82 -8.40 8.03 6.29
CA MET A 82 -8.95 7.95 4.93
C MET A 82 -9.92 9.08 4.65
N GLN A 83 -10.77 9.37 5.64
CA GLN A 83 -11.60 10.57 5.66
C GLN A 83 -10.85 11.75 5.08
N GLN A 84 -9.57 11.89 5.43
CA GLN A 84 -8.78 13.07 5.11
C GLN A 84 -8.10 13.08 3.73
N LEU A 85 -8.17 11.97 3.00
CA LEU A 85 -7.36 11.78 1.82
C LEU A 85 -8.26 11.81 0.64
N ASP A 86 -7.81 12.46 -0.42
CA ASP A 86 -8.62 12.66 -1.60
C ASP A 86 -7.68 12.67 -2.80
N ASN A 87 -7.73 11.61 -3.60
CA ASN A 87 -6.80 11.41 -4.69
C ASN A 87 -7.25 10.21 -5.52
N PRO A 88 -7.02 10.27 -6.82
CA PRO A 88 -7.55 9.20 -7.65
C PRO A 88 -6.88 7.86 -7.46
N TYR A 89 -5.70 7.81 -6.85
CA TYR A 89 -4.95 6.58 -6.71
C TYR A 89 -4.93 6.19 -5.28
N ILE A 90 -5.86 6.74 -4.52
CA ILE A 90 -6.02 6.41 -3.11
C ILE A 90 -7.44 5.92 -2.94
N VAL A 91 -7.61 4.72 -2.36
CA VAL A 91 -8.95 4.16 -2.16
C VAL A 91 -9.82 4.99 -1.19
N ARG A 92 -11.08 5.18 -1.59
CA ARG A 92 -12.00 6.07 -0.91
C ARG A 92 -12.90 5.39 0.14
N MET A 93 -12.86 5.94 1.36
CA MET A 93 -13.78 5.54 2.40
C MET A 93 -15.16 6.08 2.07
N ILE A 94 -16.19 5.32 2.46
CA ILE A 94 -17.60 5.75 2.36
C ILE A 94 -18.04 6.29 3.72
N GLY A 95 -17.92 5.45 4.74
CA GLY A 95 -18.08 5.81 6.15
C GLY A 95 -17.99 4.60 7.06
N ILE A 96 -18.59 4.67 8.24
CA ILE A 96 -18.52 3.55 9.22
C ILE A 96 -19.92 3.23 9.72
N CYS A 97 -20.03 2.12 10.46
CA CYS A 97 -21.31 1.58 10.85
C CYS A 97 -21.23 0.63 12.06
N GLU A 98 -21.94 0.98 13.14
CA GLU A 98 -22.03 0.06 14.29
C GLU A 98 -23.32 -0.79 14.24
N ALA A 99 -23.12 -2.10 14.15
CA ALA A 99 -24.21 -3.04 14.09
C ALA A 99 -23.64 -4.27 14.73
N GLU A 100 -24.15 -5.46 14.42
CA GLU A 100 -23.69 -6.69 15.06
C GLU A 100 -22.17 -6.66 15.25
N SER A 101 -21.46 -6.09 14.26
CA SER A 101 -20.06 -5.70 14.43
C SER A 101 -19.76 -4.23 13.99
N TRP A 102 -18.55 -3.77 14.32
CA TRP A 102 -18.06 -2.48 13.82
C TRP A 102 -17.50 -2.71 12.40
N MET A 103 -17.79 -1.78 11.49
CA MET A 103 -17.52 -1.96 10.08
C MET A 103 -17.02 -0.68 9.44
N LEU A 104 -15.97 -0.81 8.63
CA LEU A 104 -15.44 0.30 7.85
C LEU A 104 -15.82 0.04 6.38
N VAL A 105 -16.45 1.04 5.74
CA VAL A 105 -17.04 0.86 4.40
C VAL A 105 -16.31 1.67 3.37
N MET A 106 -15.75 0.93 2.40
CA MET A 106 -14.85 1.47 1.40
C MET A 106 -15.29 1.09 -0.03
N GLU A 107 -15.03 1.97 -0.99
CA GLU A 107 -15.39 1.66 -2.35
C GLU A 107 -14.55 0.49 -2.91
N MET A 108 -15.24 -0.45 -3.54
CA MET A 108 -14.63 -1.68 -4.06
C MET A 108 -13.70 -1.53 -5.30
N ALA A 109 -12.43 -1.97 -5.20
CA ALA A 109 -11.51 -2.15 -6.36
C ALA A 109 -11.71 -3.54 -6.93
N GLU A 110 -12.39 -3.64 -8.06
CA GLU A 110 -13.00 -4.91 -8.50
C GLU A 110 -12.01 -6.01 -8.81
N LEU A 111 -10.81 -5.65 -9.25
CA LEU A 111 -9.84 -6.67 -9.64
C LEU A 111 -8.97 -7.09 -8.47
N GLY A 112 -8.87 -6.22 -7.46
CA GLY A 112 -8.19 -6.62 -6.21
C GLY A 112 -6.68 -6.54 -6.19
N PRO A 113 -6.04 -7.28 -5.26
CA PRO A 113 -4.61 -7.15 -4.97
C PRO A 113 -3.72 -7.25 -6.18
N LEU A 114 -2.74 -6.38 -6.24
CA LEU A 114 -1.82 -6.39 -7.35
C LEU A 114 -1.01 -7.68 -7.44
N ASN A 115 -0.55 -8.17 -6.31
CA ASN A 115 0.32 -9.32 -6.35
C ASN A 115 -0.46 -10.55 -6.87
N LYS A 116 -1.72 -10.67 -6.49
CA LYS A 116 -2.49 -11.85 -6.81
C LYS A 116 -2.95 -11.73 -8.24
N TYR A 117 -3.07 -10.52 -8.73
CA TYR A 117 -3.37 -10.35 -10.14
C TYR A 117 -2.23 -10.85 -11.03
N LEU A 118 -1.07 -10.26 -10.83
CA LEU A 118 0.11 -10.62 -11.61
C LEU A 118 0.47 -12.10 -11.48
N GLN A 119 0.31 -12.66 -10.30
CA GLN A 119 0.46 -14.08 -10.08
C GLN A 119 -0.41 -14.89 -11.09
N GLN A 120 -1.66 -14.46 -11.29
CA GLN A 120 -2.68 -15.19 -12.07
C GLN A 120 -2.67 -14.80 -13.55
N ASN A 121 -2.13 -13.62 -13.87
CA ASN A 121 -1.99 -13.18 -15.26
C ASN A 121 -0.56 -12.87 -15.62
N ARG A 122 0.23 -13.94 -15.76
CA ARG A 122 1.68 -13.82 -16.00
C ARG A 122 2.06 -13.07 -17.27
N HIS A 123 1.11 -12.87 -18.18
CA HIS A 123 1.39 -12.24 -19.46
C HIS A 123 0.97 -10.76 -19.58
N VAL A 124 0.96 -10.06 -18.46
CA VAL A 124 0.67 -8.64 -18.48
C VAL A 124 1.95 -7.97 -18.92
N LYS A 125 1.89 -7.10 -19.90
CA LYS A 125 3.10 -6.56 -20.51
C LYS A 125 3.86 -5.61 -19.58
N ASP A 126 5.17 -5.65 -19.72
CA ASP A 126 6.04 -4.76 -19.00
C ASP A 126 5.53 -3.29 -18.93
N LYS A 127 5.19 -2.70 -20.07
CA LYS A 127 4.62 -1.33 -20.14
C LYS A 127 3.45 -1.14 -19.15
N ASN A 128 2.61 -2.17 -19.05
CA ASN A 128 1.44 -2.20 -18.16
C ASN A 128 1.84 -2.09 -16.70
N ILE A 129 2.93 -2.79 -16.36
CA ILE A 129 3.46 -2.79 -15.03
C ILE A 129 4.06 -1.44 -14.69
N ILE A 130 4.79 -0.85 -15.61
CA ILE A 130 5.31 0.50 -15.41
C ILE A 130 4.14 1.45 -15.15
N GLU A 131 3.09 1.32 -15.93
CA GLU A 131 1.90 2.16 -15.75
C GLU A 131 1.36 2.13 -14.33
N LEU A 132 1.11 0.91 -13.83
CA LEU A 132 0.53 0.69 -12.52
C LEU A 132 1.43 1.20 -11.38
N VAL A 133 2.76 0.96 -11.44
CA VAL A 133 3.64 1.45 -10.38
C VAL A 133 3.78 2.97 -10.46
N HIS A 134 3.82 3.53 -11.65
CA HIS A 134 3.78 4.98 -11.72
C HIS A 134 2.54 5.54 -11.02
N GLN A 135 1.39 4.88 -11.18
CA GLN A 135 0.20 5.32 -10.47
C GLN A 135 0.31 5.26 -8.93
N VAL A 136 0.91 4.21 -8.44
CA VAL A 136 1.13 4.12 -7.02
C VAL A 136 2.03 5.27 -6.59
N SER A 137 3.04 5.54 -7.38
CA SER A 137 3.96 6.62 -7.09
C SER A 137 3.20 7.95 -7.00
N MET A 138 2.21 8.15 -7.87
CA MET A 138 1.40 9.40 -7.79
C MET A 138 0.57 9.45 -6.52
N GLY A 139 -0.01 8.30 -6.16
CA GLY A 139 -0.70 8.17 -4.90
C GLY A 139 0.24 8.56 -3.77
N MET A 140 1.46 8.04 -3.80
CA MET A 140 2.38 8.25 -2.68
C MET A 140 2.94 9.66 -2.65
N LYS A 141 3.35 10.20 -3.80
CA LYS A 141 3.64 11.64 -3.93
C LYS A 141 2.62 12.53 -3.23
N TYR A 142 1.33 12.17 -3.33
CA TYR A 142 0.22 12.90 -2.72
C TYR A 142 0.15 12.72 -1.21
N LEU A 143 0.33 11.50 -0.72
CA LEU A 143 0.53 11.29 0.71
C LEU A 143 1.69 12.07 1.28
N GLU A 144 2.85 11.96 0.65
CA GLU A 144 4.02 12.71 1.12
C GLU A 144 3.64 14.18 1.26
N GLU A 145 3.07 14.76 0.21
CA GLU A 145 2.61 16.14 0.24
C GLU A 145 1.58 16.34 1.34
N SER A 146 0.69 15.37 1.56
CA SER A 146 -0.29 15.50 2.65
C SER A 146 0.29 15.28 4.05
N ASN A 147 1.58 14.96 4.17
CA ASN A 147 2.25 14.64 5.47
C ASN A 147 1.62 13.52 6.25
N PHE A 148 1.33 12.44 5.52
CA PHE A 148 0.89 11.21 6.10
C PHE A 148 1.93 10.15 5.73
N VAL A 149 2.17 9.19 6.62
CA VAL A 149 2.98 8.02 6.27
C VAL A 149 2.11 6.80 6.14
N HIS A 150 2.37 6.01 5.10
CA HIS A 150 1.57 4.82 4.87
C HIS A 150 1.89 3.70 5.86
N ARG A 151 3.15 3.31 5.87
CA ARG A 151 3.63 2.27 6.75
C ARG A 151 3.16 0.87 6.43
N ASP A 152 2.65 0.63 5.25
CA ASP A 152 2.34 -0.76 4.85
C ASP A 152 2.33 -0.90 3.32
N LEU A 153 3.22 -0.20 2.67
CA LEU A 153 3.16 -0.08 1.25
C LEU A 153 3.77 -1.33 0.67
N ALA A 154 2.91 -2.17 0.08
CA ALA A 154 3.24 -3.52 -0.33
C ALA A 154 2.33 -3.90 -1.47
N ALA A 155 2.77 -4.79 -2.35
CA ALA A 155 1.94 -5.23 -3.49
C ALA A 155 0.57 -5.71 -3.06
N ARG A 156 0.52 -6.46 -1.95
CA ARG A 156 -0.72 -7.02 -1.40
C ARG A 156 -1.80 -5.98 -1.10
N ASN A 157 -1.38 -4.73 -0.89
CA ASN A 157 -2.26 -3.61 -0.51
C ASN A 157 -2.44 -2.57 -1.58
N VAL A 158 -1.93 -2.83 -2.79
CA VAL A 158 -2.29 -2.08 -3.99
C VAL A 158 -3.42 -2.84 -4.70
N LEU A 159 -4.48 -2.13 -5.09
CA LEU A 159 -5.69 -2.75 -5.59
C LEU A 159 -6.02 -2.27 -7.01
N LEU A 160 -6.39 -3.19 -7.87
CA LEU A 160 -6.71 -2.84 -9.24
C LEU A 160 -8.17 -2.59 -9.42
N VAL A 161 -8.46 -1.45 -10.00
CA VAL A 161 -9.80 -1.15 -10.37
C VAL A 161 -10.04 -1.72 -11.75
N THR A 162 -9.12 -1.43 -12.66
CA THR A 162 -9.01 -2.16 -13.94
C THR A 162 -7.58 -2.70 -14.03
N GLN A 163 -7.28 -3.32 -15.17
CA GLN A 163 -5.95 -3.78 -15.45
C GLN A 163 -4.99 -2.64 -15.49
N HIS A 164 -5.50 -1.46 -15.86
CA HIS A 164 -4.69 -0.28 -16.07
C HIS A 164 -5.04 0.86 -15.12
N TYR A 165 -5.51 0.54 -13.92
CA TYR A 165 -5.82 1.57 -12.89
C TYR A 165 -5.70 0.96 -11.48
N ALA A 166 -4.72 1.47 -10.74
CA ALA A 166 -4.36 1.01 -9.43
C ALA A 166 -4.71 2.03 -8.38
N LYS A 167 -5.12 1.60 -7.20
CA LYS A 167 -5.21 2.45 -6.01
C LYS A 167 -4.50 1.85 -4.80
N ILE A 168 -3.93 2.71 -3.98
CA ILE A 168 -3.41 2.34 -2.70
C ILE A 168 -4.51 2.16 -1.68
N SER A 169 -4.45 1.01 -0.99
CA SER A 169 -5.34 0.69 0.12
C SER A 169 -4.52 0.40 1.37
N ASP A 170 -5.25 0.14 2.45
CA ASP A 170 -4.74 -0.41 3.72
C ASP A 170 -3.95 0.56 4.62
N PHE A 171 -4.70 1.46 5.26
CA PHE A 171 -4.15 2.55 6.09
C PHE A 171 -4.30 2.27 7.58
N GLY A 172 -4.44 1.00 7.91
CA GLY A 172 -4.47 0.58 9.29
C GLY A 172 -3.26 0.96 10.13
N LEU A 173 -2.09 1.11 9.51
CA LEU A 173 -0.89 1.52 10.28
C LEU A 173 -0.44 2.95 9.98
N SER A 174 -1.19 3.66 9.15
CA SER A 174 -0.72 4.94 8.64
C SER A 174 -0.89 6.01 9.73
N LYS A 175 -0.28 7.18 9.54
CA LYS A 175 -0.18 8.19 10.60
C LYS A 175 -0.09 9.55 9.97
N ALA A 176 -0.84 10.51 10.50
CA ALA A 176 -0.62 11.90 10.15
C ALA A 176 0.62 12.42 10.91
N LEU A 177 1.55 13.05 10.19
CA LEU A 177 2.78 13.57 10.82
C LEU A 177 2.48 14.85 11.62
N ARG A 178 2.88 14.85 12.89
CA ARG A 178 2.93 16.07 13.71
C ARG A 178 3.45 17.20 12.86
N ALA A 179 3.01 18.44 13.10
CA ALA A 179 3.55 19.57 12.31
C ALA A 179 5.04 19.88 12.55
N ASP A 180 5.58 19.58 13.74
CA ASP A 180 7.04 19.76 14.01
C ASP A 180 8.00 18.68 13.49
N GLU A 181 7.50 17.45 13.29
CA GLU A 181 8.37 16.37 12.87
C GLU A 181 7.98 15.79 11.51
N ASN A 182 8.97 15.28 10.80
CA ASN A 182 8.76 14.61 9.50
C ASN A 182 8.86 13.06 9.53
N TYR A 183 8.91 12.50 10.74
CA TYR A 183 8.88 11.06 10.99
C TYR A 183 7.86 10.78 12.09
N TYR A 184 7.33 9.56 12.15
CA TYR A 184 6.53 9.06 13.26
C TYR A 184 7.37 8.05 14.01
N LYS A 185 7.35 8.16 15.34
CA LYS A 185 8.15 7.35 16.19
C LYS A 185 7.25 6.29 16.80
N ALA A 186 7.29 5.07 16.29
CA ALA A 186 6.52 4.01 16.92
C ALA A 186 7.21 3.87 18.22
N GLN A 187 6.51 3.34 19.20
CA GLN A 187 7.08 3.14 20.52
C GLN A 187 7.31 1.67 20.77
N THR A 188 6.30 0.90 20.37
CA THR A 188 6.29 -0.53 20.53
C THR A 188 6.03 -1.14 19.17
N HIS A 189 7.02 -1.89 18.67
CA HIS A 189 6.82 -2.73 17.48
C HIS A 189 5.62 -3.67 17.65
N GLY A 190 4.43 -3.25 17.19
CA GLY A 190 3.30 -4.17 16.94
C GLY A 190 3.67 -5.00 15.70
N LYS A 191 2.92 -6.06 15.39
CA LYS A 191 3.30 -6.96 14.28
C LYS A 191 3.63 -6.20 12.96
N TRP A 192 4.89 -6.25 12.51
CA TRP A 192 5.39 -5.41 11.39
C TRP A 192 5.84 -6.17 10.12
N PRO A 193 5.46 -5.67 8.92
CA PRO A 193 5.95 -6.21 7.62
C PRO A 193 7.42 -5.88 7.34
N VAL A 194 8.33 -6.49 8.09
CA VAL A 194 9.74 -6.03 8.11
C VAL A 194 10.46 -6.11 6.78
N LYS A 195 10.10 -7.03 5.90
CA LYS A 195 10.75 -7.08 4.58
C LYS A 195 10.47 -5.84 3.73
N TRP A 196 9.40 -5.10 4.02
CA TRP A 196 9.15 -3.80 3.38
C TRP A 196 9.73 -2.57 4.09
N TYR A 197 10.34 -2.77 5.24
CA TYR A 197 10.72 -1.67 6.08
C TYR A 197 12.16 -1.24 5.83
N ALA A 198 12.38 0.06 5.91
CA ALA A 198 13.66 0.65 5.60
C ALA A 198 14.52 0.46 6.83
N PRO A 199 15.81 0.65 6.69
CA PRO A 199 16.66 0.34 7.89
C PRO A 199 16.38 1.21 9.10
N GLU A 200 16.08 2.49 8.87
CA GLU A 200 15.70 3.39 9.96
C GLU A 200 14.48 2.94 10.73
N CYS A 201 13.58 2.20 10.11
CA CYS A 201 12.37 1.76 10.78
C CYS A 201 12.72 0.68 11.71
N ILE A 202 13.61 -0.18 11.25
CA ILE A 202 14.03 -1.31 12.03
C ILE A 202 14.91 -0.91 13.21
N ASN A 203 15.85 0.00 12.99
CA ASN A 203 16.86 0.36 14.02
C ASN A 203 16.38 1.37 15.00
N TYR A 204 15.78 2.43 14.48
CA TYR A 204 15.38 3.61 15.24
C TYR A 204 13.87 3.81 15.30
N TYR A 205 13.11 2.88 14.73
CA TYR A 205 11.65 2.96 14.66
C TYR A 205 11.12 4.24 14.11
N LYS A 206 11.89 4.93 13.29
CA LYS A 206 11.42 6.16 12.68
C LYS A 206 10.87 5.88 11.28
N PHE A 207 9.65 6.36 11.06
CA PHE A 207 8.94 6.11 9.84
C PHE A 207 8.70 7.42 9.21
N SER A 208 9.07 7.59 7.94
CA SER A 208 8.80 8.80 7.20
C SER A 208 8.31 8.52 5.78
N SER A 209 7.99 9.59 5.07
CA SER A 209 7.81 9.53 3.63
C SER A 209 8.91 8.68 2.95
N LYS A 210 10.16 8.90 3.35
CA LYS A 210 11.30 8.20 2.78
C LYS A 210 11.29 6.71 3.12
N SER A 211 10.87 6.33 4.33
CA SER A 211 10.70 4.91 4.66
C SER A 211 9.79 4.24 3.66
N ASP A 212 8.70 4.93 3.35
CA ASP A 212 7.70 4.45 2.39
C ASP A 212 8.27 4.33 0.98
N VAL A 213 9.23 5.17 0.68
CA VAL A 213 10.00 5.02 -0.55
C VAL A 213 10.75 3.70 -0.55
N TRP A 214 11.36 3.32 0.56
CA TRP A 214 12.02 2.04 0.57
C TRP A 214 10.98 0.97 0.26
N SER A 215 9.87 1.00 0.98
CA SER A 215 8.76 0.09 0.68
C SER A 215 8.31 0.11 -0.77
N PHE A 216 8.30 1.29 -1.38
CA PHE A 216 7.94 1.36 -2.78
C PHE A 216 8.92 0.56 -3.60
N GLY A 217 10.19 0.65 -3.22
CA GLY A 217 11.23 -0.11 -3.89
C GLY A 217 10.88 -1.58 -3.90
N VAL A 218 10.53 -2.10 -2.73
CA VAL A 218 10.21 -3.51 -2.61
C VAL A 218 8.90 -3.77 -3.38
N LEU A 219 7.97 -2.86 -3.30
CA LEU A 219 6.77 -2.99 -4.07
C LEU A 219 7.06 -3.06 -5.58
N MET A 220 7.96 -2.21 -6.07
CA MET A 220 8.31 -2.28 -7.47
C MET A 220 8.85 -3.67 -7.74
N TRP A 221 9.74 -4.16 -6.88
CA TRP A 221 10.32 -5.47 -7.12
C TRP A 221 9.28 -6.58 -7.22
N GLU A 222 8.28 -6.51 -6.37
CA GLU A 222 7.24 -7.52 -6.40
C GLU A 222 6.49 -7.43 -7.72
N ALA A 223 6.24 -6.20 -8.18
CA ALA A 223 5.43 -5.98 -9.34
C ALA A 223 6.08 -6.62 -10.55
N PHE A 224 7.35 -6.29 -10.75
CA PHE A 224 8.11 -6.78 -11.89
C PHE A 224 8.42 -8.24 -11.77
N SER A 225 8.30 -8.79 -10.58
CA SER A 225 8.37 -10.25 -10.43
C SER A 225 7.03 -10.91 -10.49
N TYR A 226 6.00 -10.26 -11.02
CA TYR A 226 4.69 -10.89 -11.17
C TYR A 226 4.20 -11.46 -9.85
N GLY A 227 4.46 -10.68 -8.79
CA GLY A 227 3.92 -10.93 -7.47
C GLY A 227 4.62 -12.01 -6.67
N GLN A 228 5.89 -12.29 -6.95
CA GLN A 228 6.64 -13.21 -6.07
C GLN A 228 6.95 -12.44 -4.76
N LYS A 229 6.98 -13.17 -3.64
CA LYS A 229 7.32 -12.65 -2.32
C LYS A 229 8.82 -12.28 -2.27
N PRO A 230 9.15 -11.13 -1.69
CA PRO A 230 10.51 -10.70 -1.66
C PRO A 230 11.33 -11.46 -0.62
N TYR A 231 12.64 -11.49 -0.81
CA TYR A 231 13.53 -12.22 0.08
C TYR A 231 12.97 -13.60 0.35
N ARG A 232 12.64 -14.35 -0.70
CA ARG A 232 12.01 -15.61 -0.41
C ARG A 232 13.00 -16.54 0.33
N GLY A 233 12.45 -17.33 1.24
CA GLY A 233 13.21 -18.25 2.03
C GLY A 233 13.90 -17.66 3.23
N MET A 234 13.76 -16.35 3.49
CA MET A 234 14.55 -15.68 4.53
C MET A 234 13.68 -15.06 5.58
N LYS A 235 14.22 -14.98 6.81
CA LYS A 235 13.57 -14.31 7.96
C LYS A 235 13.99 -12.87 7.93
N GLY A 236 13.21 -12.03 8.62
CA GLY A 236 13.59 -10.65 8.90
C GLY A 236 14.96 -10.56 9.53
N SER A 237 15.34 -11.55 10.33
CA SER A 237 16.67 -11.64 10.89
C SER A 237 17.67 -11.49 9.80
N GLU A 238 17.52 -12.33 8.76
CA GLU A 238 18.52 -12.55 7.69
C GLU A 238 18.51 -11.47 6.60
N VAL A 239 17.30 -11.01 6.31
CA VAL A 239 17.07 -9.88 5.48
C VAL A 239 17.85 -8.72 6.04
N THR A 240 17.70 -8.48 7.33
CA THR A 240 18.36 -7.38 8.00
C THR A 240 19.87 -7.53 7.97
N ALA A 241 20.36 -8.75 8.03
CA ALA A 241 21.79 -9.00 7.83
C ALA A 241 22.25 -8.75 6.41
N MET A 242 21.40 -9.09 5.44
CA MET A 242 21.76 -8.95 4.01
C MET A 242 21.86 -7.46 3.64
N LEU A 243 20.91 -6.66 4.13
CA LEU A 243 20.87 -5.21 3.87
C LEU A 243 22.05 -4.48 4.51
N GLU A 244 22.39 -4.83 5.74
CA GLU A 244 23.60 -4.33 6.39
C GLU A 244 24.93 -4.71 5.67
N LYS A 245 24.89 -5.80 4.90
CA LYS A 245 26.06 -6.33 4.17
C LYS A 245 26.17 -5.75 2.76
N GLY A 246 25.61 -4.57 2.55
CA GLY A 246 25.57 -3.97 1.22
C GLY A 246 24.57 -4.57 0.24
N GLU A 247 23.93 -5.68 0.61
CA GLU A 247 23.24 -6.49 -0.38
C GLU A 247 21.75 -6.12 -0.62
N ARG A 248 21.37 -6.15 -1.89
CA ARG A 248 19.99 -5.89 -2.32
C ARG A 248 19.46 -7.04 -3.21
N MET A 249 18.15 -7.09 -3.37
CA MET A 249 17.50 -8.04 -4.29
C MET A 249 17.95 -7.78 -5.72
N GLY A 250 18.11 -8.86 -6.49
CA GLY A 250 18.52 -8.76 -7.89
C GLY A 250 17.37 -8.49 -8.86
N CYS A 251 17.72 -7.92 -9.99
CA CYS A 251 16.80 -7.60 -11.08
C CYS A 251 15.95 -8.76 -11.51
N PRO A 252 14.61 -8.60 -11.46
CA PRO A 252 13.66 -9.64 -11.91
C PRO A 252 13.69 -9.87 -13.41
N ALA A 253 13.58 -11.13 -13.85
CA ALA A 253 13.38 -11.43 -15.28
C ALA A 253 12.40 -10.46 -15.91
N GLY A 254 12.92 -9.71 -16.88
CA GLY A 254 12.08 -8.90 -17.74
C GLY A 254 12.11 -7.43 -17.42
N CYS A 255 12.65 -7.10 -16.26
CA CYS A 255 12.61 -5.73 -15.78
C CYS A 255 13.58 -4.86 -16.58
N PRO A 256 13.16 -3.65 -16.97
CA PRO A 256 14.07 -2.75 -17.69
C PRO A 256 15.14 -2.16 -16.86
N ARG A 257 16.33 -2.01 -17.43
CA ARG A 257 17.45 -1.57 -16.65
C ARG A 257 17.05 -0.33 -15.84
N GLU A 258 16.49 0.69 -16.48
CA GLU A 258 16.22 1.98 -15.81
C GLU A 258 15.34 1.82 -14.56
N MET A 259 14.46 0.81 -14.60
CA MET A 259 13.60 0.50 -13.47
C MET A 259 14.31 -0.22 -12.33
N TYR A 260 15.19 -1.17 -12.62
CA TYR A 260 16.03 -1.73 -11.56
C TYR A 260 16.94 -0.69 -10.92
N ASP A 261 17.30 0.34 -11.68
CA ASP A 261 18.08 1.47 -11.14
C ASP A 261 17.27 2.27 -10.13
N LEU A 262 15.99 2.47 -10.45
CA LEU A 262 15.05 3.10 -9.52
C LEU A 262 14.76 2.30 -8.24
N MET A 263 14.34 1.05 -8.38
CA MET A 263 14.26 0.18 -7.22
C MET A 263 15.47 0.43 -6.34
N ASN A 264 16.67 0.24 -6.88
CA ASN A 264 17.85 0.35 -6.05
C ASN A 264 18.02 1.67 -5.39
N LEU A 265 17.68 2.72 -6.10
CA LEU A 265 17.80 4.07 -5.57
C LEU A 265 16.87 4.30 -4.36
N CYS A 266 15.73 3.61 -4.40
CA CYS A 266 14.76 3.60 -3.32
C CYS A 266 15.34 2.88 -2.15
N TRP A 267 16.20 1.91 -2.41
CA TRP A 267 16.86 1.14 -1.36
C TRP A 267 18.19 1.77 -0.85
N THR A 268 18.40 3.07 -1.07
CA THR A 268 19.49 3.82 -0.43
C THR A 268 19.40 3.68 1.07
N TYR A 269 20.50 3.32 1.73
CA TYR A 269 20.50 3.09 3.16
C TYR A 269 20.30 4.39 3.93
N ASP A 270 21.02 5.41 3.50
CA ASP A 270 20.92 6.72 4.15
C ASP A 270 19.59 7.40 3.82
N VAL A 271 18.73 7.54 4.82
CA VAL A 271 17.45 8.20 4.60
C VAL A 271 17.61 9.58 4.01
N GLU A 272 18.60 10.32 4.51
CA GLU A 272 18.92 11.68 4.06
C GLU A 272 19.14 11.76 2.53
N ASN A 273 19.82 10.74 2.02
CA ASN A 273 20.29 10.70 0.63
C ASN A 273 19.29 9.97 -0.29
N ARG A 274 18.38 9.20 0.29
CA ARG A 274 17.35 8.49 -0.45
C ARG A 274 16.38 9.46 -1.11
N PRO A 275 15.89 9.15 -2.32
CA PRO A 275 14.94 10.03 -3.05
C PRO A 275 13.58 10.10 -2.42
N GLY A 276 12.93 11.26 -2.49
CA GLY A 276 11.55 11.39 -2.06
C GLY A 276 10.58 11.06 -3.18
N PHE A 277 9.29 11.11 -2.88
CA PHE A 277 8.29 10.69 -3.87
C PHE A 277 8.11 11.60 -5.05
N ALA A 278 8.45 12.87 -4.89
CA ALA A 278 8.47 13.80 -6.01
C ALA A 278 9.39 13.26 -7.07
N ALA A 279 10.61 12.98 -6.65
CA ALA A 279 11.66 12.57 -7.56
C ALA A 279 11.28 11.26 -8.23
N VAL A 280 10.80 10.31 -7.42
CA VAL A 280 10.48 8.99 -7.92
C VAL A 280 9.36 9.06 -8.91
N GLU A 281 8.33 9.78 -8.55
CA GLU A 281 7.21 9.98 -9.44
C GLU A 281 7.65 10.51 -10.80
N LEU A 282 8.47 11.56 -10.80
CA LEU A 282 8.83 12.15 -12.05
C LEU A 282 9.66 11.18 -12.86
N ARG A 283 10.61 10.50 -12.22
CA ARG A 283 11.46 9.60 -12.97
C ARG A 283 10.65 8.52 -13.66
N LEU A 284 9.66 7.99 -12.97
CA LEU A 284 8.76 7.02 -13.56
C LEU A 284 7.90 7.64 -14.65
N ARG A 285 7.39 8.84 -14.41
CA ARG A 285 6.61 9.56 -15.43
C ARG A 285 7.32 9.47 -16.78
N ASN A 286 8.56 9.95 -16.80
CA ASN A 286 9.34 10.04 -18.03
C ASN A 286 9.64 8.72 -18.65
N TYR A 287 9.86 7.71 -17.83
CA TYR A 287 10.19 6.44 -18.43
C TYR A 287 8.97 5.84 -19.08
N TYR A 288 7.81 6.01 -18.45
CA TYR A 288 6.57 5.49 -19.01
C TYR A 288 6.42 6.17 -20.35
N TYR A 289 6.55 7.50 -20.38
CA TYR A 289 6.32 8.28 -21.59
C TYR A 289 7.36 7.98 -22.68
N ASP A 290 8.54 7.54 -22.27
CA ASP A 290 9.55 6.99 -23.20
C ASP A 290 9.14 5.62 -23.73
N VAL A 291 8.46 4.82 -22.91
CA VAL A 291 7.98 3.54 -23.37
C VAL A 291 6.77 3.74 -24.24
N VAL A 292 5.90 4.65 -23.84
CA VAL A 292 4.66 4.89 -24.56
C VAL A 292 4.96 5.42 -25.93
N ASN A 293 5.80 6.45 -26.02
CA ASN A 293 6.09 7.12 -27.30
C ASN A 293 7.11 6.40 -28.19
N HIS A 294 6.85 5.11 -28.49
CA HIS A 294 7.62 4.26 -29.44
C1 3RT B . -9.70 -5.26 1.24
C2 3RT B . -11.05 -3.10 -1.56
C3 3RT B . -10.20 -4.06 0.48
C4 3RT B . -10.24 -2.83 1.09
C5 3RT B . -10.69 -1.71 0.39
C6 3RT B . -11.08 -1.84 -0.93
N1 3RT B . -10.61 -4.20 -0.87
N2 3RT B . -11.38 -3.49 -2.76
N3 3RT B . -10.68 -5.20 -1.63
O1 3RT B . -7.59 -15.01 -5.84
C7 3RT B . -11.14 -4.80 -2.82
C8 3RT B . -11.00 -6.90 -3.95
C9 3RT B . -11.49 -7.72 -4.97
C10 3RT B . -11.18 -9.08 -4.98
C11 3RT B . -10.37 -9.62 -3.99
C12 3RT B . -9.88 -8.84 -3.00
C13 3RT B . -10.19 -7.46 -2.97
C14 3RT B . -9.91 -10.88 -3.75
C15 3RT B . -9.33 -13.18 -4.38
O2 3RT B . -5.53 -6.11 1.63
C21 3RT B . -7.36 -4.47 1.56
C22 3RT B . -5.91 -4.75 1.21
C23 3RT B . -6.32 -7.09 0.99
C24 3RT B . -7.78 -6.89 1.37
C20 3RT B . -8.21 -5.51 0.90
N4 3RT B . -11.34 -5.59 -3.94
N6 3RT B . -9.13 -9.64 -2.19
N5 3RT B . -9.14 -10.82 -2.63
N7 3RT B . -10.18 -11.98 -4.48
C16 3RT B . -9.89 -14.28 -5.32
C17 3RT B . -8.91 -15.47 -5.40
C18 3RT B . -7.03 -14.13 -4.86
C19 3RT B . -7.88 -12.84 -4.79
S SO4 C . 2.64 1.20 15.69
O1 SO4 C . 2.24 -0.08 16.33
O2 SO4 C . 2.98 2.24 16.70
O3 SO4 C . 3.85 0.91 14.91
O4 SO4 C . 1.51 1.68 14.84
#